data_1ZU5
#
_entry.id   1ZU5
#
_cell.length_a   148.441
_cell.length_b   148.441
_cell.length_c   223.925
_cell.angle_alpha   90.00
_cell.angle_beta   90.00
_cell.angle_gamma   120.00
#
_symmetry.space_group_name_H-M   'H 3 2'
#
loop_
_entity.id
_entity.type
_entity.pdbx_description
1 polymer ftsY
2 water water
#
_entity_poly.entity_id   1
_entity_poly.type   'polypeptide(L)'
_entity_poly.pdbx_seq_one_letter_code
;HHHHHPMEKAMLKSAFNFSKDIKKLSKKYKQADDEFFEELEDVLIQTDMGMKMVLKVSNLVRKKTKRDTSFENIKDALVE
SLYQAYTDNDWTNKKYRIDFKENRLNIFMLVGVNGTGKTTSLAKMANYYAELGYKVLIAAADTFRAGATQQLEEWIKTRL
NNKVDLVKANKLNADPASVVFDAIKKAKEQNYDLLLIDTAGRLQNKTNLMAELEKMNKIIQQVEKSAPHEVLLVIDATTG
QNGVIQAEEFSKVADVSGIILTKMDSTSKGGIGLAIKELLNIPIKMIGVGEKVDDLLAFDIDQYIVHLSSGFMQGDEVEK
;
_entity_poly.pdbx_strand_id   A,B
#
# COMPACT_ATOMS: atom_id res chain seq x y z
N HIS A 5 -22.84 -1.81 7.94
CA HIS A 5 -21.99 -0.61 8.24
C HIS A 5 -20.48 -0.89 8.10
N PRO A 6 -19.77 -0.06 7.32
CA PRO A 6 -18.31 -0.07 7.25
C PRO A 6 -17.54 0.34 8.52
N MET A 7 -18.14 1.12 9.44
CA MET A 7 -17.48 1.38 10.75
C MET A 7 -17.35 0.13 11.62
N GLU A 8 -18.26 -0.82 11.41
CA GLU A 8 -18.18 -2.16 11.98
C GLU A 8 -16.86 -2.75 11.53
N LYS A 9 -16.61 -2.62 10.22
CA LYS A 9 -15.48 -3.27 9.58
C LYS A 9 -14.18 -2.57 9.95
N ALA A 10 -14.22 -1.24 9.98
CA ALA A 10 -13.08 -0.38 10.33
C ALA A 10 -12.59 -0.66 11.76
N MET A 11 -13.55 -0.68 12.69
CA MET A 11 -13.28 -0.85 14.13
C MET A 11 -13.25 -2.28 14.68
N LEU A 12 -13.57 -3.28 13.87
CA LEU A 12 -13.69 -4.68 14.39
C LEU A 12 -12.48 -5.18 15.19
N LYS A 13 -11.29 -5.10 14.60
CA LYS A 13 -10.13 -5.72 15.20
C LYS A 13 -9.68 -4.95 16.43
N SER A 14 -9.78 -3.63 16.38
CA SER A 14 -9.45 -2.80 17.53
C SER A 14 -10.51 -2.79 18.66
N ALA A 15 -11.76 -3.08 18.30
CA ALA A 15 -12.88 -3.21 19.27
C ALA A 15 -12.71 -4.50 20.06
N PHE A 16 -12.37 -5.57 19.33
CA PHE A 16 -12.03 -6.85 19.91
C PHE A 16 -10.86 -6.75 20.90
N ASN A 17 -9.78 -6.06 20.52
CA ASN A 17 -8.58 -5.95 21.39
C ASN A 17 -8.83 -5.13 22.67
N PHE A 18 -9.57 -4.04 22.54
CA PHE A 18 -9.89 -3.14 23.65
C PHE A 18 -10.79 -3.83 24.67
N SER A 19 -11.80 -4.57 24.21
CA SER A 19 -12.74 -5.19 25.14
C SER A 19 -12.14 -6.44 25.79
N LYS A 20 -11.29 -7.13 25.03
CA LYS A 20 -10.55 -8.24 25.58
C LYS A 20 -9.88 -7.69 26.87
N ASP A 21 -9.19 -6.56 26.75
CA ASP A 21 -8.42 -6.00 27.87
C ASP A 21 -9.30 -5.48 28.99
N ILE A 22 -10.39 -4.80 28.62
CA ILE A 22 -11.37 -4.26 29.57
C ILE A 22 -12.09 -5.41 30.28
N LYS A 23 -12.51 -6.43 29.53
CA LYS A 23 -13.12 -7.64 30.11
C LYS A 23 -12.16 -8.34 31.09
N LYS A 24 -10.89 -8.48 30.71
CA LYS A 24 -9.91 -9.03 31.64
C LYS A 24 -9.82 -8.17 32.93
N LEU A 25 -10.01 -6.87 32.78
CA LEU A 25 -9.96 -5.95 33.90
C LEU A 25 -11.16 -6.12 34.86
N SER A 26 -12.27 -6.60 34.31
CA SER A 26 -13.53 -6.74 35.07
C SER A 26 -13.49 -7.88 36.10
N LYS A 27 -12.78 -8.96 35.76
CA LYS A 27 -12.61 -10.14 36.64
C LYS A 27 -11.97 -9.75 37.98
N LYS A 28 -10.93 -8.91 37.87
CA LYS A 28 -10.07 -8.49 38.99
C LYS A 28 -10.72 -7.36 39.83
N TYR A 29 -11.72 -6.70 39.24
CA TYR A 29 -12.36 -5.48 39.79
C TYR A 29 -13.01 -5.62 41.18
N LYS A 30 -12.74 -4.64 42.05
CA LYS A 30 -13.37 -4.56 43.35
C LYS A 30 -13.73 -3.10 43.60
N GLN A 31 -12.74 -2.26 43.94
CA GLN A 31 -12.99 -0.81 43.95
C GLN A 31 -12.17 -0.06 42.87
N ALA A 32 -12.65 1.15 42.59
CA ALA A 32 -12.00 2.09 41.70
C ALA A 32 -10.96 2.87 42.49
N ASP A 33 -9.97 2.15 43.01
CA ASP A 33 -8.90 2.76 43.78
C ASP A 33 -7.69 3.18 42.93
N ASP A 34 -6.61 3.56 43.61
CA ASP A 34 -5.35 3.94 43.00
C ASP A 34 -4.80 2.82 42.13
N GLU A 35 -4.75 1.61 42.66
CA GLU A 35 -4.24 0.45 41.92
C GLU A 35 -5.05 0.16 40.66
N PHE A 36 -6.38 0.33 40.76
CA PHE A 36 -7.27 0.01 39.63
C PHE A 36 -6.98 0.97 38.49
N PHE A 37 -6.89 2.25 38.84
CA PHE A 37 -6.62 3.27 37.86
C PHE A 37 -5.32 3.05 37.11
N GLU A 38 -4.34 2.44 37.79
CA GLU A 38 -3.05 2.07 37.20
C GLU A 38 -3.20 0.97 36.17
N GLU A 39 -3.94 -0.08 36.50
CA GLU A 39 -4.27 -1.13 35.54
C GLU A 39 -5.10 -0.59 34.36
N LEU A 40 -5.98 0.37 34.61
CA LEU A 40 -6.81 0.97 33.53
C LEU A 40 -5.94 1.79 32.54
N GLU A 41 -4.99 2.51 33.11
CA GLU A 41 -3.93 3.20 32.37
C GLU A 41 -3.16 2.30 31.44
N ASP A 42 -2.77 1.11 31.88
CA ASP A 42 -2.08 0.16 31.03
C ASP A 42 -2.95 -0.37 29.88
N VAL A 43 -4.24 -0.47 30.12
CA VAL A 43 -5.19 -0.87 29.09
C VAL A 43 -5.27 0.26 28.06
N LEU A 44 -5.32 1.50 28.52
CA LEU A 44 -5.41 2.65 27.62
C LEU A 44 -4.12 2.81 26.80
N ILE A 45 -2.96 2.59 27.43
CA ILE A 45 -1.63 2.59 26.77
C ILE A 45 -1.63 1.67 25.57
N GLN A 46 -2.24 0.49 25.75
CA GLN A 46 -2.39 -0.55 24.73
C GLN A 46 -3.24 -0.20 23.52
N THR A 47 -4.16 0.75 23.63
CA THR A 47 -4.91 1.22 22.45
C THR A 47 -4.02 2.10 21.54
N ASP A 48 -2.91 2.57 22.11
CA ASP A 48 -1.94 3.41 21.42
C ASP A 48 -2.42 4.86 21.27
N MET A 49 -3.21 5.36 22.22
CA MET A 49 -3.73 6.75 22.18
C MET A 49 -2.63 7.74 22.56
N GLY A 50 -1.58 7.22 23.16
CA GLY A 50 -0.38 7.99 23.46
C GLY A 50 -0.54 8.50 24.85
N MET A 51 0.59 8.84 25.48
CA MET A 51 0.62 9.03 26.94
C MET A 51 -0.22 10.20 27.43
N LYS A 52 -0.21 11.28 26.67
CA LYS A 52 -1.02 12.43 27.05
C LYS A 52 -2.51 12.07 27.05
N MET A 53 -2.98 11.41 25.99
CA MET A 53 -4.32 10.96 25.97
C MET A 53 -4.62 9.97 27.11
N VAL A 54 -3.66 9.11 27.45
CA VAL A 54 -3.87 8.15 28.53
C VAL A 54 -4.13 8.89 29.83
N LEU A 55 -3.39 9.95 30.10
CA LEU A 55 -3.54 10.69 31.34
C LEU A 55 -4.85 11.46 31.40
N LYS A 56 -5.23 12.09 30.28
CA LYS A 56 -6.47 12.85 30.13
C LYS A 56 -7.65 11.95 30.39
N VAL A 57 -7.76 10.86 29.65
CA VAL A 57 -8.84 9.89 29.79
C VAL A 57 -8.90 9.33 31.23
N SER A 58 -7.78 8.86 31.77
CA SER A 58 -7.75 8.27 33.09
C SER A 58 -8.26 9.25 34.13
N ASN A 59 -7.79 10.50 34.03
CA ASN A 59 -8.11 11.52 34.99
C ASN A 59 -9.55 11.92 34.87
N LEU A 60 -10.09 11.92 33.64
CA LEU A 60 -11.52 12.16 33.42
C LEU A 60 -12.36 11.04 34.04
N VAL A 61 -11.95 9.80 33.84
CA VAL A 61 -12.73 8.68 34.33
C VAL A 61 -12.78 8.78 35.84
N ARG A 62 -11.65 9.14 36.43
CA ARG A 62 -11.48 9.19 37.88
C ARG A 62 -12.32 10.32 38.51
N LYS A 63 -12.49 11.41 37.76
CA LYS A 63 -13.28 12.54 38.19
C LYS A 63 -14.78 12.29 38.08
N LYS A 64 -15.14 11.37 37.20
CA LYS A 64 -16.52 10.99 36.94
C LYS A 64 -16.92 9.81 37.85
N THR A 65 -15.98 9.29 38.64
CA THR A 65 -16.31 8.12 39.47
C THR A 65 -16.00 8.30 40.93
N LYS A 66 -16.38 7.29 41.71
CA LYS A 66 -16.12 7.24 43.13
C LYS A 66 -15.56 5.84 43.42
N ARG A 67 -14.88 5.70 44.55
CA ARG A 67 -14.30 4.41 44.95
C ARG A 67 -15.29 3.24 44.82
N ASP A 68 -16.56 3.52 45.12
CA ASP A 68 -17.60 2.50 45.20
C ASP A 68 -18.54 2.43 44.01
N THR A 69 -18.11 2.97 42.88
CA THR A 69 -18.87 2.87 41.63
C THR A 69 -18.75 1.42 41.18
N SER A 70 -19.73 0.96 40.40
CA SER A 70 -19.70 -0.39 39.82
C SER A 70 -18.93 -0.34 38.52
N PHE A 71 -18.56 -1.51 38.01
CA PHE A 71 -17.81 -1.59 36.76
C PHE A 71 -18.58 -1.11 35.54
N GLU A 72 -19.87 -1.43 35.48
CA GLU A 72 -20.72 -0.94 34.41
C GLU A 72 -20.64 0.58 34.32
N ASN A 73 -20.52 1.24 35.47
CA ASN A 73 -20.46 2.69 35.48
C ASN A 73 -19.06 3.21 35.22
N ILE A 74 -18.06 2.39 35.52
CA ILE A 74 -16.69 2.68 35.13
C ILE A 74 -16.59 2.84 33.58
N LYS A 75 -17.13 1.85 32.87
CA LYS A 75 -17.17 1.81 31.41
C LYS A 75 -17.91 2.95 30.73
N ASP A 76 -18.97 3.43 31.36
CA ASP A 76 -19.77 4.48 30.78
C ASP A 76 -18.95 5.72 30.91
N ALA A 77 -18.29 5.85 32.06
CA ALA A 77 -17.46 7.01 32.33
C ALA A 77 -16.28 6.96 31.32
N LEU A 78 -15.72 5.75 31.12
CA LEU A 78 -14.68 5.51 30.14
C LEU A 78 -15.12 5.96 28.74
N VAL A 79 -16.23 5.41 28.24
CA VAL A 79 -16.73 5.87 26.95
C VAL A 79 -16.92 7.38 26.89
N GLU A 80 -17.45 7.98 27.95
CA GLU A 80 -17.62 9.46 27.97
C GLU A 80 -16.27 10.19 27.87
N SER A 81 -15.31 9.71 28.65
CA SER A 81 -13.96 10.28 28.73
C SER A 81 -13.18 10.18 27.42
N LEU A 82 -13.23 9.03 26.75
CA LEU A 82 -12.68 8.88 25.41
C LEU A 82 -13.24 9.93 24.48
N TYR A 83 -14.56 10.07 24.48
CA TYR A 83 -15.26 11.02 23.62
C TYR A 83 -14.88 12.47 23.96
N GLN A 84 -14.81 12.80 25.24
CA GLN A 84 -14.47 14.14 25.67
C GLN A 84 -13.01 14.44 25.41
N ALA A 85 -12.15 13.42 25.49
CA ALA A 85 -10.72 13.63 25.21
C ALA A 85 -10.54 13.95 23.70
N TYR A 86 -11.26 13.22 22.85
CA TYR A 86 -11.20 13.47 21.41
C TYR A 86 -11.82 14.79 21.01
N THR A 87 -13.11 14.96 21.27
CA THR A 87 -13.80 16.14 20.74
C THR A 87 -13.34 17.37 21.50
N ASP A 88 -12.82 17.12 22.70
CA ASP A 88 -12.39 18.20 23.54
C ASP A 88 -13.62 19.04 23.81
N ASN A 89 -14.78 18.36 23.86
CA ASN A 89 -16.07 19.01 24.08
C ASN A 89 -16.18 20.25 23.20
N ASP A 90 -16.24 20.03 21.87
CA ASP A 90 -16.56 21.16 20.98
C ASP A 90 -17.41 20.76 19.77
N TRP A 91 -18.02 21.77 19.13
CA TRP A 91 -18.78 21.60 17.91
C TRP A 91 -17.88 21.24 16.73
N THR A 92 -18.13 20.08 16.15
CA THR A 92 -17.16 19.50 15.23
C THR A 92 -17.72 19.38 13.83
N ASN A 93 -18.94 19.87 13.61
CA ASN A 93 -19.54 19.62 12.30
C ASN A 93 -18.75 20.30 11.21
N LYS A 94 -18.40 21.57 11.44
CA LYS A 94 -17.61 22.36 10.49
C LYS A 94 -16.15 21.83 10.44
N LYS A 95 -15.49 21.77 11.62
CA LYS A 95 -14.15 21.18 11.74
C LYS A 95 -13.97 19.91 10.91
N TYR A 96 -14.82 18.88 11.09
CA TYR A 96 -14.63 17.64 10.33
C TYR A 96 -15.15 17.65 8.88
N ARG A 97 -15.88 18.70 8.50
CA ARG A 97 -16.45 18.79 7.15
C ARG A 97 -15.36 19.01 6.11
N ILE A 98 -15.45 18.28 5.02
CA ILE A 98 -14.72 18.59 3.83
C ILE A 98 -15.33 19.83 3.22
N ASP A 99 -14.50 20.84 2.99
CA ASP A 99 -14.94 22.07 2.40
C ASP A 99 -15.15 21.90 0.89
N PHE A 100 -16.30 21.35 0.51
CA PHE A 100 -16.71 21.16 -0.89
C PHE A 100 -17.98 21.99 -1.19
N LYS A 101 -17.88 22.97 -2.09
CA LYS A 101 -19.03 23.82 -2.50
C LYS A 101 -19.42 23.56 -3.94
N GLU A 102 -20.68 23.82 -4.27
CA GLU A 102 -21.21 23.38 -5.54
C GLU A 102 -20.99 24.31 -6.74
N ASN A 103 -20.73 25.59 -6.51
CA ASN A 103 -20.54 26.39 -7.72
C ASN A 103 -19.18 27.03 -7.79
N ARG A 104 -18.17 26.21 -7.52
CA ARG A 104 -16.78 26.61 -7.71
C ARG A 104 -15.96 25.38 -8.08
N LEU A 105 -14.74 25.66 -8.52
CA LEU A 105 -13.74 24.64 -8.69
C LEU A 105 -13.17 24.30 -7.30
N ASN A 106 -13.42 23.10 -6.82
CA ASN A 106 -12.87 22.67 -5.52
C ASN A 106 -11.54 22.03 -5.84
N ILE A 107 -10.53 22.41 -5.09
CA ILE A 107 -9.19 21.95 -5.35
C ILE A 107 -8.65 21.39 -4.06
N PHE A 108 -8.46 20.07 -4.03
CA PHE A 108 -7.90 19.39 -2.84
C PHE A 108 -6.53 18.87 -3.19
N MET A 109 -5.59 19.05 -2.26
CA MET A 109 -4.27 18.54 -2.38
C MET A 109 -4.06 17.41 -1.42
N LEU A 110 -3.41 16.32 -1.88
CA LEU A 110 -3.08 15.19 -0.99
C LEU A 110 -1.62 15.07 -0.73
N VAL A 111 -1.31 14.85 0.56
CA VAL A 111 0.05 14.69 1.05
C VAL A 111 0.19 13.43 1.89
N GLY A 112 1.42 12.94 2.00
CA GLY A 112 1.68 11.72 2.72
C GLY A 112 2.98 11.03 2.37
N VAL A 113 3.51 10.30 3.33
CA VAL A 113 4.80 9.61 3.21
C VAL A 113 4.74 8.49 2.19
N ASN A 114 3.72 7.67 2.26
CA ASN A 114 3.63 6.58 1.32
C ASN A 114 2.97 7.00 0.01
N GLY A 115 3.75 7.02 -1.06
CA GLY A 115 3.23 7.37 -2.36
C GLY A 115 2.10 6.54 -2.92
N THR A 116 2.03 5.25 -2.60
CA THR A 116 0.89 4.41 -3.00
C THR A 116 -0.36 4.72 -2.18
N GLY A 117 -0.18 5.09 -0.92
CA GLY A 117 -1.29 5.48 -0.07
C GLY A 117 -1.97 6.74 -0.61
N LYS A 118 -1.17 7.68 -1.14
CA LYS A 118 -1.64 8.89 -1.77
C LYS A 118 -2.41 8.57 -3.06
N THR A 119 -1.83 7.77 -3.93
CA THR A 119 -2.57 7.55 -5.14
C THR A 119 -3.86 6.76 -4.91
N THR A 120 -3.84 5.76 -4.01
CA THR A 120 -5.04 5.02 -3.63
C THR A 120 -6.07 5.95 -2.98
N SER A 121 -5.62 6.86 -2.11
CA SER A 121 -6.55 7.77 -1.50
C SER A 121 -7.13 8.78 -2.48
N LEU A 122 -6.29 9.40 -3.31
CA LEU A 122 -6.76 10.23 -4.39
C LEU A 122 -7.79 9.49 -5.23
N ALA A 123 -7.48 8.29 -5.71
CA ALA A 123 -8.48 7.55 -6.50
C ALA A 123 -9.81 7.39 -5.78
N LYS A 124 -9.78 6.98 -4.52
CA LYS A 124 -10.96 6.77 -3.69
C LYS A 124 -11.76 8.06 -3.41
N MET A 125 -11.06 9.17 -3.16
CA MET A 125 -11.65 10.49 -3.06
C MET A 125 -12.34 10.86 -4.36
N ALA A 126 -11.70 10.55 -5.50
CA ALA A 126 -12.26 10.97 -6.79
C ALA A 126 -13.54 10.24 -7.12
N ASN A 127 -13.59 8.96 -6.75
CA ASN A 127 -14.75 8.10 -6.93
C ASN A 127 -15.85 8.47 -5.95
N TYR A 128 -15.49 8.92 -4.76
CA TYR A 128 -16.50 9.33 -3.80
C TYR A 128 -17.36 10.45 -4.41
N TYR A 129 -16.69 11.44 -5.02
CA TYR A 129 -17.39 12.58 -5.60
C TYR A 129 -17.94 12.34 -6.98
N ALA A 130 -17.30 11.46 -7.75
CA ALA A 130 -17.77 11.17 -9.11
C ALA A 130 -19.07 10.38 -9.03
N GLU A 131 -19.22 9.63 -7.95
CA GLU A 131 -20.38 8.76 -7.74
C GLU A 131 -21.59 9.62 -7.39
N LEU A 132 -21.35 10.70 -6.62
CA LEU A 132 -22.36 11.74 -6.36
C LEU A 132 -22.65 12.64 -7.55
N GLY A 133 -22.31 12.21 -8.76
CA GLY A 133 -22.65 12.98 -9.95
C GLY A 133 -21.69 14.08 -10.41
N TYR A 134 -20.74 14.48 -9.56
CA TYR A 134 -19.75 15.57 -9.87
C TYR A 134 -18.67 15.24 -10.90
N LYS A 135 -18.12 16.27 -11.51
CA LYS A 135 -17.11 16.09 -12.57
C LYS A 135 -15.71 16.23 -11.98
N VAL A 136 -14.94 15.13 -11.99
CA VAL A 136 -13.63 15.08 -11.31
C VAL A 136 -12.33 15.01 -12.16
N LEU A 137 -11.37 15.84 -11.77
CA LEU A 137 -10.06 15.85 -12.39
C LEU A 137 -8.97 15.46 -11.38
N ILE A 138 -8.07 14.57 -11.80
CA ILE A 138 -6.89 14.22 -11.02
C ILE A 138 -5.64 14.81 -11.69
N ALA A 139 -4.75 15.40 -10.90
CA ALA A 139 -3.49 15.93 -11.38
C ALA A 139 -2.36 15.05 -10.83
N ALA A 140 -1.74 14.28 -11.72
CA ALA A 140 -0.68 13.38 -11.28
C ALA A 140 0.63 14.21 -11.19
N ALA A 141 0.77 14.98 -10.12
CA ALA A 141 1.91 15.91 -10.01
C ALA A 141 3.08 15.42 -9.14
N ASP A 142 3.03 14.17 -8.65
CA ASP A 142 4.17 13.52 -8.01
C ASP A 142 5.11 12.91 -9.08
N THR A 143 5.59 13.78 -9.97
CA THR A 143 6.32 13.35 -11.17
C THR A 143 7.71 12.75 -10.92
N PHE A 144 8.25 12.91 -9.72
CA PHE A 144 9.59 12.45 -9.41
C PHE A 144 9.57 11.12 -8.74
N ARG A 145 8.36 10.61 -8.50
CA ARG A 145 8.15 9.29 -7.94
C ARG A 145 7.85 8.31 -9.06
N ALA A 146 8.83 7.46 -9.37
CA ALA A 146 8.62 6.34 -10.29
C ALA A 146 7.36 5.50 -9.99
N GLY A 147 6.48 5.37 -10.98
CA GLY A 147 5.26 4.57 -10.84
C GLY A 147 3.99 5.30 -10.40
N ALA A 148 4.12 6.51 -9.85
CA ALA A 148 2.94 7.21 -9.31
C ALA A 148 1.91 7.43 -10.38
N THR A 149 2.35 7.94 -11.53
CA THR A 149 1.45 8.23 -12.64
C THR A 149 0.80 6.96 -13.14
N GLN A 150 1.57 5.90 -13.24
CA GLN A 150 1.08 4.62 -13.74
C GLN A 150 -0.01 4.09 -12.82
N GLN A 151 0.15 4.28 -11.52
CA GLN A 151 -0.88 3.87 -10.57
C GLN A 151 -2.19 4.61 -10.79
N LEU A 152 -2.10 5.93 -10.95
CA LEU A 152 -3.31 6.68 -11.21
C LEU A 152 -3.96 6.33 -12.55
N GLU A 153 -3.17 6.12 -13.61
CA GLU A 153 -3.72 5.66 -14.91
C GLU A 153 -4.49 4.36 -14.84
N GLU A 154 -4.04 3.42 -14.02
CA GLU A 154 -4.70 2.15 -13.79
C GLU A 154 -6.00 2.28 -12.97
N TRP A 155 -6.01 3.15 -11.98
CA TRP A 155 -7.24 3.43 -11.24
C TRP A 155 -8.29 3.93 -12.22
N ILE A 156 -7.91 4.92 -13.02
CA ILE A 156 -8.83 5.54 -13.97
C ILE A 156 -9.29 4.55 -15.05
N LYS A 157 -8.33 3.83 -15.60
CA LYS A 157 -8.54 2.80 -16.57
C LYS A 157 -9.49 1.69 -16.11
N THR A 158 -9.44 1.26 -14.85
CA THR A 158 -10.32 0.13 -14.49
C THR A 158 -11.21 0.21 -13.25
N ARG A 159 -11.17 1.26 -12.48
CA ARG A 159 -11.93 1.19 -11.25
C ARG A 159 -12.72 2.42 -10.98
N LEU A 160 -12.48 3.45 -11.80
CA LEU A 160 -13.11 4.73 -11.58
C LEU A 160 -14.28 4.95 -12.52
N ASN A 161 -15.26 5.66 -12.00
CA ASN A 161 -16.35 6.23 -12.79
C ASN A 161 -15.77 7.04 -13.98
N ASN A 162 -16.47 7.06 -15.11
CA ASN A 162 -15.89 7.76 -16.25
C ASN A 162 -16.04 9.30 -16.21
N LYS A 163 -16.59 9.82 -15.11
CA LYS A 163 -16.58 11.27 -14.85
C LYS A 163 -15.26 11.70 -14.17
N VAL A 164 -14.29 10.77 -14.07
CA VAL A 164 -12.94 11.07 -13.55
C VAL A 164 -11.93 11.03 -14.69
N ASP A 165 -11.29 12.16 -14.92
CA ASP A 165 -10.24 12.27 -15.91
C ASP A 165 -8.91 12.57 -15.23
N LEU A 166 -7.82 12.52 -15.99
CA LEU A 166 -6.48 12.62 -15.42
C LEU A 166 -5.63 13.56 -16.23
N VAL A 167 -4.78 14.34 -15.55
CA VAL A 167 -3.78 15.13 -16.23
C VAL A 167 -2.39 14.67 -15.79
N LYS A 168 -1.55 14.26 -16.73
CA LYS A 168 -0.19 13.90 -16.39
C LYS A 168 0.85 14.69 -17.18
N ALA A 169 2.07 14.72 -16.63
CA ALA A 169 3.30 15.17 -17.30
C ALA A 169 3.48 14.55 -18.69
N ASN A 170 4.15 15.32 -19.57
CA ASN A 170 4.55 14.82 -20.90
C ASN A 170 5.99 14.28 -20.87
N LYS A 171 6.85 14.85 -21.71
CA LYS A 171 8.25 14.46 -21.83
C LYS A 171 9.08 15.70 -21.56
N LEU A 172 8.75 16.79 -22.27
CA LEU A 172 9.42 18.10 -22.15
C LEU A 172 9.24 18.79 -20.78
N ASN A 173 8.03 18.79 -20.21
CA ASN A 173 7.84 19.33 -18.85
C ASN A 173 7.23 18.31 -17.85
N ALA A 174 8.09 17.74 -17.00
CA ALA A 174 7.68 16.84 -15.93
C ALA A 174 7.92 17.45 -14.56
N ASP A 175 7.98 18.78 -14.50
CA ASP A 175 7.93 19.56 -13.26
C ASP A 175 6.51 19.33 -12.69
N PRO A 176 6.40 19.05 -11.38
CA PRO A 176 5.13 19.02 -10.67
C PRO A 176 4.27 20.25 -10.93
N ALA A 177 4.84 21.43 -10.72
CA ALA A 177 4.13 22.69 -10.93
C ALA A 177 3.58 22.81 -12.34
N SER A 178 4.28 22.29 -13.32
CA SER A 178 3.74 22.31 -14.69
C SER A 178 2.47 21.45 -14.85
N VAL A 179 2.44 20.23 -14.31
CA VAL A 179 1.22 19.43 -14.29
C VAL A 179 0.04 20.16 -13.59
N VAL A 180 0.28 20.78 -12.43
CA VAL A 180 -0.75 21.53 -11.72
C VAL A 180 -1.27 22.72 -12.56
N PHE A 181 -0.39 23.45 -13.24
CA PHE A 181 -0.81 24.51 -14.14
C PHE A 181 -1.78 24.00 -15.22
N ASP A 182 -1.39 22.95 -15.96
CA ASP A 182 -2.27 22.32 -16.99
C ASP A 182 -3.56 21.84 -16.41
N ALA A 183 -3.50 21.32 -15.17
CA ALA A 183 -4.69 20.76 -14.52
C ALA A 183 -5.67 21.87 -14.17
N ILE A 184 -5.17 22.98 -13.62
CA ILE A 184 -6.04 24.09 -13.25
C ILE A 184 -6.69 24.65 -14.51
N LYS A 185 -5.87 25.20 -15.42
CA LYS A 185 -6.34 25.53 -16.75
C LYS A 185 -7.47 24.60 -17.24
N LYS A 186 -7.17 23.32 -17.44
CA LYS A 186 -8.17 22.34 -17.90
C LYS A 186 -9.43 22.25 -17.02
N ALA A 187 -9.26 22.26 -15.69
CA ALA A 187 -10.38 22.18 -14.74
C ALA A 187 -11.37 23.36 -14.86
N LYS A 188 -10.84 24.58 -15.00
CA LYS A 188 -11.64 25.77 -15.24
C LYS A 188 -12.29 25.74 -16.61
N GLU A 189 -11.47 25.69 -17.67
CA GLU A 189 -12.02 25.69 -19.02
C GLU A 189 -13.13 24.67 -19.23
N GLN A 190 -13.07 23.50 -18.61
CA GLN A 190 -14.07 22.46 -18.91
C GLN A 190 -15.02 22.17 -17.77
N ASN A 191 -15.11 23.13 -16.84
CA ASN A 191 -16.11 23.13 -15.77
C ASN A 191 -16.15 21.84 -14.96
N TYR A 192 -14.98 21.46 -14.44
CA TYR A 192 -14.82 20.37 -13.46
C TYR A 192 -15.27 20.89 -12.10
N ASP A 193 -15.86 20.01 -11.28
CA ASP A 193 -16.30 20.38 -9.92
C ASP A 193 -15.18 20.21 -8.91
N LEU A 194 -14.30 19.25 -9.19
CA LEU A 194 -13.21 18.90 -8.27
C LEU A 194 -11.94 18.58 -9.03
N LEU A 195 -10.87 19.25 -8.60
CA LEU A 195 -9.52 18.93 -8.96
C LEU A 195 -8.85 18.30 -7.75
N LEU A 196 -8.35 17.09 -7.96
CA LEU A 196 -7.55 16.38 -6.95
C LEU A 196 -6.07 16.34 -7.37
N ILE A 197 -5.21 16.92 -6.52
CA ILE A 197 -3.78 17.01 -6.81
C ILE A 197 -2.91 16.11 -5.90
N ASP A 198 -2.17 15.22 -6.55
CA ASP A 198 -1.15 14.40 -5.92
C ASP A 198 0.14 15.24 -5.82
N THR A 199 0.41 15.82 -4.67
CA THR A 199 1.52 16.71 -4.55
C THR A 199 2.85 15.99 -4.70
N ALA A 200 3.91 16.80 -4.85
CA ALA A 200 5.26 16.33 -4.94
C ALA A 200 5.95 16.64 -3.63
N GLY A 201 7.06 15.95 -3.38
CA GLY A 201 7.89 16.22 -2.23
C GLY A 201 7.99 15.04 -1.27
N ARG A 202 9.09 15.06 -0.51
CA ARG A 202 9.45 14.03 0.46
C ARG A 202 9.72 14.79 1.75
N LEU A 203 9.59 14.11 2.88
CA LEU A 203 9.98 14.70 4.16
C LEU A 203 11.47 14.79 4.27
N GLN A 204 12.16 13.83 3.64
CA GLN A 204 13.63 13.88 3.34
C GLN A 204 14.19 15.30 3.14
N ASN A 205 13.49 16.11 2.36
CA ASN A 205 13.98 17.43 2.06
C ASN A 205 12.84 18.43 2.21
N LYS A 206 12.61 18.86 3.46
CA LYS A 206 11.50 19.73 3.79
C LYS A 206 11.58 21.12 3.17
N THR A 207 12.78 21.70 2.96
CA THR A 207 12.85 22.94 2.13
C THR A 207 12.24 22.66 0.72
N ASN A 208 12.47 21.44 0.24
CA ASN A 208 12.06 21.05 -1.10
C ASN A 208 10.53 20.83 -1.13
N LEU A 209 10.03 20.03 -0.19
CA LEU A 209 8.59 19.83 -0.02
C LEU A 209 7.80 21.13 0.13
N MET A 210 8.26 22.01 1.03
CA MET A 210 7.67 23.33 1.30
C MET A 210 7.72 24.14 0.01
N ALA A 211 8.85 24.03 -0.71
CA ALA A 211 9.00 24.79 -1.98
C ALA A 211 8.04 24.31 -3.04
N GLU A 212 7.97 22.99 -3.22
CA GLU A 212 7.07 22.39 -4.19
C GLU A 212 5.63 22.72 -3.85
N LEU A 213 5.24 22.60 -2.58
CA LEU A 213 3.84 22.94 -2.21
C LEU A 213 3.54 24.41 -2.41
N GLU A 214 4.51 25.29 -2.12
CA GLU A 214 4.28 26.70 -2.40
C GLU A 214 4.19 27.05 -3.90
N LYS A 215 5.07 26.53 -4.76
CA LYS A 215 4.88 26.75 -6.21
C LYS A 215 3.44 26.41 -6.59
N MET A 216 2.94 25.32 -6.01
CA MET A 216 1.61 24.81 -6.33
C MET A 216 0.50 25.72 -5.83
N ASN A 217 0.71 26.28 -4.64
CA ASN A 217 -0.23 27.23 -4.04
C ASN A 217 -0.39 28.43 -4.95
N LYS A 218 0.72 29.13 -5.24
CA LYS A 218 0.73 30.24 -6.24
C LYS A 218 -0.10 29.94 -7.49
N ILE A 219 0.16 28.80 -8.12
CA ILE A 219 -0.47 28.43 -9.39
C ILE A 219 -1.98 28.30 -9.27
N ILE A 220 -2.47 27.67 -8.21
CA ILE A 220 -3.92 27.44 -8.15
C ILE A 220 -4.65 28.70 -7.69
N GLN A 221 -3.92 29.50 -6.91
CA GLN A 221 -4.45 30.68 -6.24
C GLN A 221 -4.63 31.85 -7.21
N GLN A 222 -4.15 31.65 -8.44
CA GLN A 222 -4.34 32.62 -9.50
C GLN A 222 -5.65 32.27 -10.22
N VAL A 223 -6.50 31.46 -9.61
CA VAL A 223 -7.76 31.07 -10.27
C VAL A 223 -8.87 30.92 -9.22
N GLU A 224 -8.49 30.52 -8.04
CA GLU A 224 -9.35 30.31 -6.93
C GLU A 224 -8.56 30.73 -5.73
N LYS A 225 -8.74 31.99 -5.36
CA LYS A 225 -7.98 32.62 -4.25
C LYS A 225 -8.05 31.78 -2.97
N SER A 226 -9.25 31.28 -2.67
CA SER A 226 -9.52 30.42 -1.50
C SER A 226 -8.84 29.01 -1.51
N ALA A 227 -8.38 28.54 -2.69
CA ALA A 227 -7.69 27.24 -2.82
C ALA A 227 -6.26 27.28 -2.28
N PRO A 228 -5.75 26.14 -1.79
CA PRO A 228 -6.49 24.87 -1.76
C PRO A 228 -7.57 24.85 -0.70
N HIS A 229 -8.68 24.21 -1.04
CA HIS A 229 -9.83 24.07 -0.14
C HIS A 229 -9.61 23.02 0.93
N GLU A 230 -8.72 22.07 0.65
CA GLU A 230 -8.44 20.92 1.50
C GLU A 230 -6.97 20.56 1.18
N VAL A 231 -6.21 20.25 2.21
CA VAL A 231 -4.89 19.70 2.06
C VAL A 231 -4.87 18.47 2.93
N LEU A 232 -5.06 17.30 2.32
CA LEU A 232 -5.28 16.08 3.11
C LEU A 232 -4.06 15.19 3.24
N LEU A 233 -3.66 14.96 4.49
CA LEU A 233 -2.60 14.10 4.91
C LEU A 233 -3.03 12.62 5.12
N VAL A 234 -2.42 11.71 4.36
CA VAL A 234 -2.75 10.31 4.44
C VAL A 234 -1.91 9.71 5.55
N ILE A 235 -2.55 9.06 6.51
CA ILE A 235 -1.86 8.35 7.62
C ILE A 235 -2.38 6.90 7.64
N ASP A 236 -1.43 5.95 7.52
CA ASP A 236 -1.73 4.55 7.51
C ASP A 236 -1.89 4.09 8.94
N ALA A 237 -3.08 3.61 9.30
CA ALA A 237 -3.37 3.29 10.72
C ALA A 237 -2.47 2.17 11.23
N THR A 238 -2.00 1.30 10.36
CA THR A 238 -1.08 0.22 10.78
C THR A 238 0.33 0.75 11.15
N THR A 239 0.63 2.01 10.85
CA THR A 239 1.92 2.57 11.23
C THR A 239 1.90 3.04 12.70
N GLY A 240 0.72 3.08 13.29
CA GLY A 240 0.55 3.36 14.74
C GLY A 240 1.01 4.74 15.17
N GLN A 241 1.45 4.82 16.43
CA GLN A 241 1.84 6.08 17.06
C GLN A 241 3.09 6.63 16.39
N ASN A 242 3.96 5.75 15.88
CA ASN A 242 5.15 6.19 15.17
C ASN A 242 4.88 6.85 13.82
N GLY A 243 3.94 6.29 13.06
CA GLY A 243 3.54 6.91 11.81
C GLY A 243 2.81 8.24 12.00
N VAL A 244 2.14 8.39 13.15
CA VAL A 244 1.47 9.64 13.51
C VAL A 244 2.53 10.73 13.84
N ILE A 245 3.52 10.35 14.64
CA ILE A 245 4.70 11.17 14.93
C ILE A 245 5.39 11.61 13.66
N GLN A 246 5.67 10.69 12.75
CA GLN A 246 6.17 11.09 11.45
C GLN A 246 5.20 12.01 10.68
N ALA A 247 3.91 11.75 10.76
CA ALA A 247 2.97 12.58 10.05
C ALA A 247 3.03 14.06 10.54
N GLU A 248 3.39 14.25 11.82
CA GLU A 248 3.50 15.58 12.46
C GLU A 248 4.42 16.46 11.68
N GLU A 249 5.54 15.89 11.26
CA GLU A 249 6.54 16.55 10.46
C GLU A 249 5.92 17.11 9.18
N PHE A 250 4.95 16.40 8.61
CA PHE A 250 4.21 16.92 7.45
C PHE A 250 3.39 18.18 7.73
N SER A 251 2.59 18.21 8.81
CA SER A 251 1.66 19.35 9.05
C SER A 251 2.42 20.60 9.42
N LYS A 252 3.61 20.36 9.93
CA LYS A 252 4.49 21.42 10.35
C LYS A 252 5.14 22.11 9.14
N VAL A 253 5.21 21.40 8.01
CA VAL A 253 5.83 21.95 6.80
C VAL A 253 4.79 22.25 5.70
N ALA A 254 3.52 21.93 5.94
CA ALA A 254 2.46 22.08 4.96
C ALA A 254 1.26 22.60 5.73
N ASP A 255 0.30 23.19 5.04
CA ASP A 255 -0.91 23.71 5.70
C ASP A 255 -1.99 22.64 5.63
N VAL A 256 -1.82 21.57 6.38
CA VAL A 256 -2.68 20.41 6.34
C VAL A 256 -4.02 20.77 7.00
N SER A 257 -5.15 20.45 6.37
CA SER A 257 -6.45 20.76 6.95
C SER A 257 -7.25 19.56 7.40
N GLY A 258 -6.92 18.38 6.91
CA GLY A 258 -7.65 17.19 7.36
C GLY A 258 -6.80 15.95 7.13
N ILE A 259 -7.20 14.85 7.78
CA ILE A 259 -6.50 13.58 7.67
C ILE A 259 -7.36 12.55 6.99
N ILE A 260 -6.72 11.69 6.21
CA ILE A 260 -7.32 10.47 5.67
C ILE A 260 -6.56 9.37 6.35
N LEU A 261 -7.20 8.76 7.34
CA LEU A 261 -6.71 7.61 8.09
C LEU A 261 -7.08 6.33 7.35
N THR A 262 -6.09 5.73 6.72
CA THR A 262 -6.33 4.56 5.92
C THR A 262 -6.05 3.31 6.73
N LYS A 263 -6.62 2.17 6.24
CA LYS A 263 -6.36 0.80 6.72
C LYS A 263 -6.76 0.62 8.15
N MET A 264 -7.80 1.35 8.55
CA MET A 264 -8.27 1.27 9.93
C MET A 264 -8.72 -0.17 10.27
N ASP A 265 -9.28 -0.88 9.30
CA ASP A 265 -9.67 -2.29 9.50
C ASP A 265 -8.51 -3.26 9.74
N SER A 266 -7.28 -2.80 9.48
CA SER A 266 -6.10 -3.66 9.59
C SER A 266 -5.36 -3.44 10.90
N THR A 267 -5.89 -2.53 11.72
CA THR A 267 -5.24 -2.27 12.99
C THR A 267 -6.05 -2.72 14.20
N SER A 268 -5.35 -3.24 15.19
CA SER A 268 -5.91 -3.55 16.52
C SER A 268 -5.80 -2.37 17.52
N LYS A 269 -5.35 -1.19 17.04
CA LYS A 269 -5.05 -0.04 17.91
C LYS A 269 -6.10 1.08 17.76
N GLY A 270 -7.20 0.96 18.51
CA GLY A 270 -8.27 1.93 18.42
C GLY A 270 -7.97 3.28 19.03
N GLY A 271 -6.83 3.41 19.72
CA GLY A 271 -6.41 4.70 20.18
C GLY A 271 -5.82 5.60 19.13
N ILE A 272 -5.53 5.09 17.93
CA ILE A 272 -4.90 5.90 16.88
C ILE A 272 -5.54 7.29 16.64
N GLY A 273 -6.88 7.34 16.64
CA GLY A 273 -7.65 8.55 16.40
C GLY A 273 -7.42 9.58 17.48
N LEU A 274 -7.21 9.15 18.72
CA LEU A 274 -6.92 10.13 19.79
C LEU A 274 -5.46 10.57 19.74
N ALA A 275 -4.57 9.65 19.36
CA ALA A 275 -3.18 10.05 19.13
C ALA A 275 -3.10 11.12 18.03
N ILE A 276 -3.85 10.98 16.95
CA ILE A 276 -3.80 11.99 15.90
C ILE A 276 -4.23 13.39 16.40
N LYS A 277 -5.30 13.41 17.18
CA LYS A 277 -5.84 14.61 17.74
C LYS A 277 -4.85 15.26 18.69
N GLU A 278 -4.26 14.46 19.56
CA GLU A 278 -3.21 14.92 20.44
C GLU A 278 -1.99 15.45 19.68
N LEU A 279 -1.45 14.73 18.70
CA LEU A 279 -0.11 15.08 18.25
C LEU A 279 -0.17 16.03 17.10
N LEU A 280 -1.26 16.01 16.36
CA LEU A 280 -1.40 16.88 15.20
C LEU A 280 -2.50 17.92 15.35
N ASN A 281 -3.53 17.63 16.13
CA ASN A 281 -4.67 18.52 16.28
C ASN A 281 -5.18 18.90 14.94
N ILE A 282 -5.36 17.91 14.07
CA ILE A 282 -5.95 18.08 12.75
C ILE A 282 -7.08 17.04 12.68
N PRO A 283 -8.29 17.49 12.30
CA PRO A 283 -9.42 16.61 12.27
C PRO A 283 -9.26 15.51 11.23
N ILE A 284 -9.65 14.29 11.59
CA ILE A 284 -9.77 13.18 10.63
C ILE A 284 -11.03 13.42 9.83
N LYS A 285 -10.93 13.53 8.50
CA LYS A 285 -12.11 13.78 7.66
C LYS A 285 -12.60 12.57 6.91
N MET A 286 -11.69 11.67 6.54
CA MET A 286 -12.07 10.45 5.87
C MET A 286 -11.33 9.33 6.55
N ILE A 287 -11.92 8.15 6.46
CA ILE A 287 -11.34 6.96 7.05
C ILE A 287 -11.43 5.84 6.00
N GLY A 288 -10.36 5.10 5.83
CA GLY A 288 -10.33 4.08 4.82
C GLY A 288 -10.58 2.74 5.48
N VAL A 289 -11.56 2.02 4.95
CA VAL A 289 -12.05 0.76 5.54
C VAL A 289 -11.71 -0.53 4.78
N GLY A 290 -11.21 -0.48 3.56
CA GLY A 290 -10.97 -1.72 2.82
C GLY A 290 -10.01 -1.39 1.71
N GLU A 291 -9.96 -2.21 0.66
CA GLU A 291 -8.93 -2.01 -0.39
C GLU A 291 -9.55 -1.67 -1.77
N LYS A 292 -10.87 -1.78 -1.82
CA LYS A 292 -11.69 -1.47 -2.98
C LYS A 292 -11.98 0.01 -3.05
N VAL A 293 -12.19 0.49 -4.27
CA VAL A 293 -12.38 1.90 -4.54
C VAL A 293 -13.43 2.62 -3.66
N ASP A 294 -14.52 1.96 -3.29
CA ASP A 294 -15.48 2.69 -2.45
C ASP A 294 -15.31 2.47 -0.99
N ASP A 295 -14.24 1.79 -0.59
CA ASP A 295 -13.95 1.55 0.82
C ASP A 295 -13.38 2.79 1.49
N LEU A 296 -14.13 3.88 1.47
CA LEU A 296 -13.66 5.12 2.07
C LEU A 296 -14.87 5.86 2.56
N LEU A 297 -14.90 6.26 3.83
CA LEU A 297 -16.07 7.00 4.30
C LEU A 297 -15.74 8.20 5.12
N ALA A 298 -16.69 9.14 5.16
CA ALA A 298 -16.53 10.34 5.95
C ALA A 298 -16.36 9.89 7.40
N PHE A 299 -15.52 10.62 8.15
CA PHE A 299 -15.22 10.19 9.49
C PHE A 299 -16.33 10.72 10.37
N ASP A 300 -16.72 9.93 11.38
CA ASP A 300 -17.76 10.33 12.35
C ASP A 300 -17.29 9.90 13.73
N ILE A 301 -17.07 10.88 14.60
CA ILE A 301 -16.53 10.64 15.92
C ILE A 301 -17.39 9.77 16.83
N ASP A 302 -18.71 9.97 16.80
CA ASP A 302 -19.63 9.13 17.57
C ASP A 302 -19.55 7.69 17.09
N GLN A 303 -19.64 7.47 15.78
CA GLN A 303 -19.53 6.08 15.24
C GLN A 303 -18.19 5.46 15.64
N TYR A 304 -17.12 6.25 15.54
CA TYR A 304 -15.79 5.84 15.98
C TYR A 304 -15.77 5.39 17.42
N ILE A 305 -16.20 6.26 18.34
CA ILE A 305 -16.29 5.89 19.77
C ILE A 305 -17.24 4.72 20.02
N VAL A 306 -18.45 4.81 19.48
CA VAL A 306 -19.45 3.72 19.64
C VAL A 306 -18.86 2.37 19.22
N HIS A 307 -18.32 2.29 18.01
CA HIS A 307 -17.72 1.06 17.52
C HIS A 307 -16.45 0.60 18.21
N LEU A 308 -15.60 1.54 18.62
CA LEU A 308 -14.42 1.23 19.38
C LEU A 308 -14.79 0.52 20.68
N SER A 309 -15.86 1.00 21.32
CA SER A 309 -16.21 0.51 22.63
C SER A 309 -17.36 -0.50 22.59
N SER A 310 -17.77 -0.88 21.38
CA SER A 310 -18.91 -1.81 21.21
C SER A 310 -18.70 -3.12 21.96
N GLY A 311 -17.51 -3.73 21.82
CA GLY A 311 -17.19 -4.97 22.52
C GLY A 311 -17.54 -5.04 24.01
N PHE A 312 -17.64 -3.92 24.70
CA PHE A 312 -17.91 -3.98 26.13
C PHE A 312 -19.11 -3.14 26.56
N MET A 313 -20.06 -2.95 25.65
CA MET A 313 -21.26 -2.14 25.92
C MET A 313 -22.56 -2.75 25.33
N HIS B 1 -20.62 -23.14 -3.24
CA HIS B 1 -21.22 -22.92 -4.63
C HIS B 1 -20.17 -22.23 -5.49
N HIS B 2 -19.52 -21.22 -4.89
CA HIS B 2 -18.49 -20.41 -5.59
C HIS B 2 -17.14 -20.42 -4.88
N HIS B 3 -16.09 -20.71 -5.64
CA HIS B 3 -14.76 -20.83 -5.10
C HIS B 3 -13.82 -19.81 -5.77
N HIS B 4 -12.89 -19.24 -4.98
CA HIS B 4 -12.00 -18.22 -5.51
C HIS B 4 -10.81 -18.83 -6.30
N HIS B 5 -10.67 -18.41 -7.57
CA HIS B 5 -9.55 -18.85 -8.44
C HIS B 5 -8.55 -17.71 -8.56
N PRO B 6 -7.37 -17.85 -7.94
CA PRO B 6 -6.56 -16.63 -7.77
C PRO B 6 -5.85 -16.12 -9.04
N MET B 7 -5.33 -17.00 -9.89
CA MET B 7 -4.77 -16.60 -11.18
C MET B 7 -5.81 -15.93 -12.06
N GLU B 8 -7.03 -16.46 -12.06
CA GLU B 8 -8.14 -15.85 -12.79
C GLU B 8 -8.30 -14.39 -12.35
N LYS B 9 -8.43 -14.19 -11.04
CA LYS B 9 -8.56 -12.87 -10.43
C LYS B 9 -7.38 -11.95 -10.81
N ALA B 10 -6.17 -12.52 -10.77
CA ALA B 10 -4.93 -11.80 -11.01
C ALA B 10 -4.92 -11.23 -12.42
N MET B 11 -5.27 -12.07 -13.38
CA MET B 11 -5.07 -11.73 -14.78
C MET B 11 -6.33 -11.20 -15.38
N LEU B 12 -7.35 -10.97 -14.57
CA LEU B 12 -8.66 -10.57 -15.14
C LEU B 12 -8.64 -9.25 -15.94
N LYS B 13 -8.16 -8.18 -15.31
CA LYS B 13 -8.15 -6.83 -15.92
C LYS B 13 -7.22 -6.77 -17.13
N SER B 14 -6.07 -7.43 -17.00
CA SER B 14 -5.09 -7.56 -18.05
C SER B 14 -5.65 -8.29 -19.25
N ALA B 15 -6.32 -9.42 -18.99
CA ALA B 15 -6.83 -10.27 -20.06
C ALA B 15 -7.94 -9.54 -20.80
N PHE B 16 -8.82 -8.88 -20.06
CA PHE B 16 -9.84 -8.06 -20.68
C PHE B 16 -9.24 -6.99 -21.61
N ASN B 17 -8.29 -6.21 -21.08
CA ASN B 17 -7.68 -5.13 -21.84
C ASN B 17 -6.99 -5.66 -23.11
N PHE B 18 -6.18 -6.71 -22.97
CA PHE B 18 -5.44 -7.29 -24.10
C PHE B 18 -6.42 -7.75 -25.18
N SER B 19 -7.39 -8.57 -24.75
CA SER B 19 -8.43 -9.13 -25.61
C SER B 19 -9.20 -8.14 -26.44
N LYS B 20 -9.60 -7.04 -25.81
CA LYS B 20 -10.34 -5.95 -26.42
C LYS B 20 -9.52 -5.33 -27.56
N ASP B 21 -8.20 -5.27 -27.40
CA ASP B 21 -7.31 -4.70 -28.41
C ASP B 21 -7.09 -5.69 -29.53
N ILE B 22 -7.07 -6.99 -29.22
CA ILE B 22 -6.93 -8.05 -30.25
C ILE B 22 -8.20 -8.06 -31.13
N LYS B 23 -9.36 -7.96 -30.49
CA LYS B 23 -10.66 -7.92 -31.18
C LYS B 23 -10.74 -6.77 -32.15
N LYS B 24 -10.57 -5.54 -31.65
CA LYS B 24 -10.39 -4.36 -32.51
C LYS B 24 -9.46 -4.69 -33.69
N LEU B 25 -8.29 -5.24 -33.41
CA LEU B 25 -7.31 -5.57 -34.45
C LEU B 25 -7.89 -6.59 -35.43
N SER B 26 -8.78 -7.44 -34.94
CA SER B 26 -9.40 -8.50 -35.73
C SER B 26 -10.41 -7.97 -36.78
N LYS B 27 -11.13 -6.90 -36.42
CA LYS B 27 -12.18 -6.32 -37.27
C LYS B 27 -11.58 -5.82 -38.58
N LYS B 28 -10.76 -4.78 -38.50
CA LYS B 28 -10.00 -4.32 -39.65
C LYS B 28 -8.83 -5.31 -39.89
N TYR B 29 -9.10 -6.49 -40.45
CA TYR B 29 -8.02 -7.47 -40.77
C TYR B 29 -8.19 -8.20 -42.11
N LYS B 30 -7.11 -8.20 -42.91
CA LYS B 30 -7.09 -8.86 -44.21
C LYS B 30 -5.94 -9.83 -44.30
N GLN B 31 -4.71 -9.32 -44.46
CA GLN B 31 -3.54 -10.21 -44.48
C GLN B 31 -2.52 -9.88 -43.38
N ALA B 32 -1.64 -10.85 -43.12
CA ALA B 32 -0.53 -10.67 -42.18
C ALA B 32 0.60 -9.94 -42.89
N ASP B 33 0.35 -8.68 -43.23
CA ASP B 33 1.28 -7.83 -43.97
C ASP B 33 1.96 -6.75 -43.07
N ASP B 34 2.92 -6.01 -43.62
CA ASP B 34 3.60 -4.89 -42.89
C ASP B 34 2.72 -3.96 -42.04
N GLU B 35 1.63 -3.46 -42.62
CA GLU B 35 0.79 -2.55 -41.86
C GLU B 35 0.16 -3.29 -40.66
N PHE B 36 -0.23 -4.55 -40.89
CA PHE B 36 -0.86 -5.37 -39.85
C PHE B 36 0.09 -5.49 -38.68
N PHE B 37 1.34 -5.84 -38.97
CA PHE B 37 2.36 -6.02 -37.93
C PHE B 37 2.62 -4.78 -37.13
N GLU B 38 2.55 -3.60 -37.75
CA GLU B 38 2.72 -2.34 -37.06
C GLU B 38 1.56 -2.17 -36.13
N GLU B 39 0.40 -2.62 -36.58
CA GLU B 39 -0.86 -2.49 -35.85
C GLU B 39 -0.86 -3.41 -34.64
N LEU B 40 -0.24 -4.57 -34.81
CA LEU B 40 -0.11 -5.57 -33.75
C LEU B 40 0.91 -5.05 -32.72
N GLU B 41 2.02 -4.53 -33.24
CA GLU B 41 3.01 -3.92 -32.40
C GLU B 41 2.41 -2.89 -31.45
N ASP B 42 1.47 -2.05 -31.89
CA ASP B 42 0.81 -1.10 -30.99
C ASP B 42 0.01 -1.75 -29.87
N VAL B 43 -0.55 -2.92 -30.15
CA VAL B 43 -1.28 -3.73 -29.17
C VAL B 43 -0.30 -4.33 -28.12
N LEU B 44 0.83 -4.83 -28.58
CA LEU B 44 1.91 -5.28 -27.72
C LEU B 44 2.49 -4.15 -26.88
N ILE B 45 2.58 -2.96 -27.46
CA ILE B 45 3.08 -1.80 -26.73
C ILE B 45 2.15 -1.52 -25.59
N GLN B 46 0.85 -1.59 -25.84
CA GLN B 46 -0.18 -1.30 -24.82
C GLN B 46 -0.17 -2.26 -23.66
N THR B 47 0.43 -3.45 -23.84
CA THR B 47 0.58 -4.42 -22.75
C THR B 47 1.64 -3.96 -21.71
N ASP B 48 2.52 -3.02 -22.08
CA ASP B 48 3.63 -2.55 -21.22
C ASP B 48 4.76 -3.59 -21.03
N MET B 49 4.93 -4.50 -22.00
CA MET B 49 6.04 -5.46 -21.98
C MET B 49 7.35 -4.77 -22.31
N GLY B 50 7.23 -3.57 -22.89
CA GLY B 50 8.39 -2.79 -23.30
C GLY B 50 8.87 -3.07 -24.71
N MET B 51 9.70 -2.17 -25.21
CA MET B 51 10.00 -2.14 -26.62
C MET B 51 10.79 -3.35 -27.02
N LYS B 52 11.73 -3.80 -26.19
CA LYS B 52 12.51 -4.99 -26.61
C LYS B 52 11.65 -6.27 -26.69
N MET B 53 10.63 -6.38 -25.85
CA MET B 53 9.73 -7.52 -25.91
C MET B 53 8.73 -7.41 -27.05
N VAL B 54 8.22 -6.19 -27.28
CA VAL B 54 7.35 -5.87 -28.39
C VAL B 54 7.98 -6.36 -29.70
N LEU B 55 9.23 -5.96 -29.96
CA LEU B 55 9.99 -6.40 -31.13
C LEU B 55 10.38 -7.92 -31.18
N LYS B 56 10.58 -8.57 -30.05
CA LYS B 56 10.92 -10.00 -30.05
C LYS B 56 9.68 -10.77 -30.43
N VAL B 57 8.58 -10.45 -29.77
CA VAL B 57 7.29 -11.12 -29.92
C VAL B 57 6.75 -10.87 -31.32
N SER B 58 6.93 -9.64 -31.83
CA SER B 58 6.48 -9.27 -33.18
C SER B 58 7.21 -10.13 -34.17
N ASN B 59 8.53 -10.19 -34.05
CA ASN B 59 9.33 -10.97 -34.96
C ASN B 59 9.04 -12.46 -34.94
N LEU B 60 8.68 -12.97 -33.77
CA LEU B 60 8.36 -14.38 -33.59
C LEU B 60 7.01 -14.70 -34.25
N VAL B 61 6.07 -13.78 -34.15
CA VAL B 61 4.77 -13.96 -34.78
C VAL B 61 4.93 -13.84 -36.31
N ARG B 62 5.85 -12.96 -36.75
CA ARG B 62 6.22 -12.83 -38.16
C ARG B 62 6.85 -14.09 -38.74
N LYS B 63 7.85 -14.65 -38.05
CA LYS B 63 8.50 -15.90 -38.53
C LYS B 63 7.62 -17.14 -38.49
N LYS B 64 6.54 -17.08 -37.71
CA LYS B 64 5.68 -18.25 -37.54
C LYS B 64 4.52 -18.22 -38.54
N THR B 65 4.35 -17.11 -39.25
CA THR B 65 3.20 -16.93 -40.13
C THR B 65 3.52 -16.61 -41.60
N LYS B 66 2.48 -16.82 -42.41
CA LYS B 66 2.51 -16.47 -43.84
C LYS B 66 1.67 -15.20 -44.00
N ARG B 67 1.81 -14.60 -45.17
CA ARG B 67 1.11 -13.38 -45.56
C ARG B 67 -0.43 -13.48 -45.49
N ASP B 68 -0.99 -14.67 -45.70
CA ASP B 68 -2.45 -14.84 -45.62
C ASP B 68 -2.83 -16.01 -44.71
N THR B 69 -2.36 -15.95 -43.47
CA THR B 69 -2.77 -16.94 -42.48
C THR B 69 -4.10 -16.47 -41.89
N SER B 70 -4.79 -17.37 -41.19
CA SER B 70 -6.05 -17.03 -40.52
C SER B 70 -5.71 -16.06 -39.41
N PHE B 71 -6.64 -15.18 -39.03
CA PHE B 71 -6.45 -14.41 -37.81
C PHE B 71 -6.29 -15.36 -36.62
N GLU B 72 -6.96 -16.52 -36.73
CA GLU B 72 -6.91 -17.56 -35.73
C GLU B 72 -5.52 -18.13 -35.52
N ASN B 73 -4.80 -18.40 -36.61
CA ASN B 73 -3.41 -18.89 -36.49
C ASN B 73 -2.42 -17.79 -36.08
N ILE B 74 -2.81 -16.51 -36.28
CA ILE B 74 -2.07 -15.33 -35.81
C ILE B 74 -2.04 -15.38 -34.27
N LYS B 75 -3.21 -15.57 -33.70
CA LYS B 75 -3.39 -15.58 -32.25
C LYS B 75 -2.64 -16.73 -31.63
N ASP B 76 -2.65 -17.87 -32.32
CA ASP B 76 -1.96 -19.05 -31.83
C ASP B 76 -0.50 -18.73 -31.80
N ALA B 77 -0.03 -18.11 -32.87
CA ALA B 77 1.37 -17.70 -32.98
C ALA B 77 1.73 -16.71 -31.85
N LEU B 78 0.79 -15.84 -31.51
CA LEU B 78 1.02 -14.79 -30.53
C LEU B 78 1.21 -15.41 -29.14
N VAL B 79 0.36 -16.38 -28.79
CA VAL B 79 0.43 -17.07 -27.53
C VAL B 79 1.76 -17.80 -27.41
N GLU B 80 2.12 -18.57 -28.43
CA GLU B 80 3.42 -19.27 -28.48
C GLU B 80 4.57 -18.29 -28.27
N SER B 81 4.53 -17.21 -29.03
CA SER B 81 5.50 -16.12 -28.99
C SER B 81 5.62 -15.48 -27.62
N LEU B 82 4.50 -15.23 -26.94
CA LEU B 82 4.52 -14.67 -25.57
C LEU B 82 5.29 -15.54 -24.60
N TYR B 83 4.96 -16.83 -24.63
CA TYR B 83 5.64 -17.89 -23.86
C TYR B 83 7.08 -18.10 -24.30
N GLN B 84 7.37 -17.94 -25.56
CA GLN B 84 8.73 -18.25 -25.98
C GLN B 84 9.66 -17.09 -25.59
N ALA B 85 9.14 -15.87 -25.61
CA ALA B 85 9.91 -14.67 -25.23
C ALA B 85 10.10 -14.65 -23.73
N TYR B 86 9.08 -15.09 -22.99
CA TYR B 86 9.26 -15.15 -21.55
C TYR B 86 10.25 -16.24 -21.16
N THR B 87 10.14 -17.41 -21.75
CA THR B 87 11.01 -18.51 -21.31
C THR B 87 12.34 -18.65 -22.06
N ASP B 88 12.58 -17.75 -23.03
CA ASP B 88 13.79 -17.84 -23.84
C ASP B 88 13.76 -19.09 -24.66
N ASN B 89 12.56 -19.58 -24.94
CA ASN B 89 12.31 -20.80 -25.69
C ASN B 89 12.76 -22.06 -24.92
N ASP B 90 12.96 -21.96 -23.61
CA ASP B 90 13.36 -23.06 -22.71
C ASP B 90 12.11 -23.36 -21.85
N TRP B 91 12.02 -24.47 -21.13
CA TRP B 91 10.86 -24.62 -20.25
C TRP B 91 11.34 -24.41 -18.83
N THR B 92 12.66 -24.35 -18.86
CA THR B 92 13.62 -24.16 -17.79
C THR B 92 14.04 -25.51 -17.21
N TYR B 96 13.71 -19.97 -10.81
CA TYR B 96 12.25 -20.13 -10.91
C TYR B 96 11.61 -20.49 -9.54
N ARG B 97 12.03 -21.61 -8.95
CA ARG B 97 11.47 -22.11 -7.68
C ARG B 97 12.07 -21.39 -6.49
N ILE B 98 11.30 -21.33 -5.39
CA ILE B 98 11.78 -20.88 -4.08
C ILE B 98 12.73 -21.93 -3.46
N ASP B 99 13.95 -21.50 -3.19
CA ASP B 99 14.96 -22.32 -2.49
C ASP B 99 14.59 -22.53 -1.00
N PHE B 100 13.46 -23.18 -0.75
CA PHE B 100 13.13 -23.70 0.58
C PHE B 100 13.55 -25.19 0.74
N LYS B 101 14.29 -25.50 1.83
CA LYS B 101 14.80 -26.85 2.19
C LYS B 101 14.31 -27.24 3.59
N GLU B 102 14.08 -28.53 3.82
CA GLU B 102 13.42 -28.90 5.06
C GLU B 102 14.23 -29.08 6.31
N ASN B 103 15.52 -29.37 6.23
CA ASN B 103 16.18 -29.61 7.55
C ASN B 103 17.25 -28.55 7.82
N ARG B 104 16.85 -27.29 7.66
CA ARG B 104 17.75 -26.16 7.80
C ARG B 104 16.98 -24.91 8.18
N LEU B 105 17.70 -23.91 8.66
CA LEU B 105 17.13 -22.58 8.83
C LEU B 105 17.12 -21.89 7.46
N ASN B 106 15.95 -21.79 6.81
CA ASN B 106 15.88 -21.01 5.56
C ASN B 106 15.84 -19.49 5.85
N ILE B 107 16.63 -18.73 5.11
CA ILE B 107 16.69 -17.30 5.37
C ILE B 107 16.42 -16.49 4.10
N PHE B 108 15.29 -15.76 4.14
CA PHE B 108 14.88 -14.92 3.01
C PHE B 108 14.96 -13.45 3.39
N MET B 109 15.62 -12.68 2.55
CA MET B 109 15.59 -11.22 2.68
C MET B 109 14.58 -10.58 1.71
N LEU B 110 13.83 -9.58 2.19
CA LEU B 110 12.93 -8.81 1.31
C LEU B 110 13.43 -7.39 1.13
N VAL B 111 13.42 -6.94 -0.14
CA VAL B 111 13.84 -5.59 -0.53
C VAL B 111 12.76 -5.00 -1.43
N GLY B 112 12.73 -3.69 -1.59
CA GLY B 112 11.61 -3.05 -2.28
C GLY B 112 11.53 -1.57 -1.94
N VAL B 113 11.07 -0.76 -2.88
CA VAL B 113 10.97 0.69 -2.70
C VAL B 113 9.94 1.14 -1.65
N ASN B 114 8.80 0.48 -1.65
CA ASN B 114 7.70 0.85 -0.83
C ASN B 114 7.74 -0.01 0.39
N GLY B 115 8.01 0.63 1.54
CA GLY B 115 8.08 -0.03 2.86
C GLY B 115 6.86 -0.82 3.22
N THR B 116 5.69 -0.32 2.82
CA THR B 116 4.45 -1.03 3.11
C THR B 116 4.33 -2.32 2.32
N GLY B 117 4.61 -2.27 1.04
CA GLY B 117 4.60 -3.44 0.23
C GLY B 117 5.56 -4.48 0.76
N LYS B 118 6.69 -4.06 1.31
CA LYS B 118 7.62 -5.01 1.87
C LYS B 118 7.06 -5.69 3.09
N THR B 119 6.44 -4.95 4.01
CA THR B 119 5.90 -5.57 5.23
C THR B 119 4.69 -6.43 4.94
N THR B 120 3.93 -6.03 3.93
CA THR B 120 2.78 -6.79 3.47
C THR B 120 3.19 -8.14 2.85
N SER B 121 4.14 -8.11 1.94
CA SER B 121 4.68 -9.31 1.32
C SER B 121 5.42 -10.19 2.31
N LEU B 122 6.09 -9.57 3.26
CA LEU B 122 6.78 -10.34 4.27
C LEU B 122 5.78 -11.14 5.15
N ALA B 123 4.70 -10.50 5.57
CA ALA B 123 3.66 -11.18 6.29
C ALA B 123 2.98 -12.30 5.47
N LYS B 124 2.77 -12.03 4.19
CA LYS B 124 2.09 -13.01 3.32
C LYS B 124 3.01 -14.19 3.08
N MET B 125 4.30 -13.93 2.90
CA MET B 125 5.24 -15.01 2.76
C MET B 125 5.25 -15.79 4.06
N ALA B 126 5.26 -15.08 5.20
CA ALA B 126 5.24 -15.74 6.52
C ALA B 126 4.02 -16.67 6.57
N ASN B 127 2.86 -16.15 6.15
CA ASN B 127 1.65 -16.90 6.30
C ASN B 127 1.65 -18.12 5.38
N TYR B 128 2.40 -18.03 4.28
CA TYR B 128 2.42 -19.06 3.25
C TYR B 128 3.05 -20.34 3.80
N TYR B 129 4.19 -20.19 4.46
CA TYR B 129 4.89 -21.28 5.09
C TYR B 129 4.29 -21.69 6.44
N ALA B 130 3.72 -20.72 7.16
CA ALA B 130 3.04 -21.06 8.41
C ALA B 130 1.83 -21.95 8.15
N GLU B 131 1.10 -21.68 7.07
CA GLU B 131 0.02 -22.58 6.63
C GLU B 131 0.53 -24.00 6.26
N LEU B 132 1.78 -24.13 5.77
CA LEU B 132 2.39 -25.44 5.53
C LEU B 132 2.97 -26.09 6.80
N GLY B 133 2.63 -25.52 7.95
CA GLY B 133 3.03 -26.03 9.26
C GLY B 133 4.45 -25.74 9.68
N TYR B 134 5.12 -24.84 8.96
CA TYR B 134 6.51 -24.50 9.34
C TYR B 134 6.56 -23.44 10.46
N LYS B 135 7.73 -23.36 11.08
CA LYS B 135 7.97 -22.40 12.13
C LYS B 135 8.69 -21.18 11.52
N VAL B 136 7.99 -20.04 11.50
CA VAL B 136 8.48 -18.80 10.83
C VAL B 136 8.80 -17.68 11.81
N LEU B 137 10.00 -17.16 11.70
CA LEU B 137 10.39 -15.97 12.42
C LEU B 137 10.52 -14.77 11.41
N ILE B 138 9.95 -13.61 11.76
CA ILE B 138 10.11 -12.36 11.01
C ILE B 138 11.01 -11.41 11.80
N ALA B 139 12.07 -10.90 11.15
CA ALA B 139 12.94 -9.86 11.70
C ALA B 139 12.59 -8.47 11.10
N ALA B 140 12.03 -7.58 11.93
CA ALA B 140 11.67 -6.22 11.60
C ALA B 140 12.90 -5.34 11.67
N ALA B 141 13.77 -5.49 10.66
CA ALA B 141 15.09 -4.81 10.65
C ALA B 141 15.10 -3.53 9.81
N ASP B 142 13.92 -3.05 9.39
CA ASP B 142 13.83 -1.78 8.68
C ASP B 142 13.59 -0.69 9.75
N THR B 143 14.53 -0.63 10.67
CA THR B 143 14.36 0.16 11.90
C THR B 143 14.41 1.66 11.65
N PHE B 144 14.88 2.14 10.52
CA PHE B 144 14.90 3.60 10.29
C PHE B 144 13.69 4.03 9.50
N ARG B 145 12.70 3.15 9.38
CA ARG B 145 11.48 3.48 8.65
C ARG B 145 10.33 3.49 9.65
N ALA B 146 9.97 4.70 10.08
CA ALA B 146 8.91 4.92 11.00
C ALA B 146 7.67 4.14 10.60
N GLY B 147 7.13 3.34 11.54
CA GLY B 147 5.88 2.61 11.32
C GLY B 147 6.02 1.17 10.83
N ALA B 148 7.19 0.83 10.28
CA ALA B 148 7.46 -0.54 9.74
C ALA B 148 7.26 -1.64 10.78
N THR B 149 7.72 -1.41 11.99
CA THR B 149 7.65 -2.44 13.02
C THR B 149 6.19 -2.61 13.40
N GLN B 150 5.50 -1.47 13.51
CA GLN B 150 4.11 -1.43 13.99
C GLN B 150 3.25 -2.19 12.94
N GLN B 151 3.54 -1.99 11.64
CA GLN B 151 2.85 -2.75 10.61
C GLN B 151 3.01 -4.26 10.75
N LEU B 152 4.24 -4.68 11.01
CA LEU B 152 4.53 -6.08 11.16
C LEU B 152 3.94 -6.62 12.44
N GLU B 153 3.88 -5.76 13.48
CA GLU B 153 3.23 -6.08 14.76
C GLU B 153 1.78 -6.39 14.54
N GLU B 154 1.09 -5.53 13.77
CA GLU B 154 -0.35 -5.74 13.54
C GLU B 154 -0.65 -6.99 12.75
N TRP B 155 0.15 -7.26 11.71
CA TRP B 155 0.04 -8.52 10.98
C TRP B 155 0.09 -9.72 11.92
N ILE B 156 1.14 -9.79 12.74
CA ILE B 156 1.27 -10.86 13.74
C ILE B 156 0.03 -10.93 14.59
N LYS B 157 -0.29 -9.81 15.24
CA LYS B 157 -1.44 -9.67 16.13
C LYS B 157 -2.72 -10.21 15.57
N THR B 158 -3.12 -9.82 14.37
CA THR B 158 -4.47 -10.15 13.92
C THR B 158 -4.66 -10.96 12.65
N ARG B 159 -3.61 -11.33 11.95
CA ARG B 159 -3.85 -11.96 10.67
C ARG B 159 -3.02 -13.18 10.38
N LEU B 160 -2.01 -13.44 11.21
CA LEU B 160 -1.08 -14.52 10.97
C LEU B 160 -1.26 -15.64 11.97
N ASN B 161 -1.05 -16.85 11.50
CA ASN B 161 -1.05 -18.01 12.37
C ASN B 161 0.01 -17.84 13.47
N ASN B 162 -0.32 -18.26 14.69
CA ASN B 162 0.61 -18.16 15.83
C ASN B 162 1.90 -18.99 15.68
N LYS B 163 2.11 -19.58 14.49
CA LYS B 163 3.42 -20.16 14.12
C LYS B 163 4.39 -19.09 13.58
N VAL B 164 3.91 -17.84 13.50
CA VAL B 164 4.76 -16.71 13.13
C VAL B 164 5.06 -15.85 14.35
N ASP B 165 6.34 -15.69 14.66
CA ASP B 165 6.79 -14.74 15.69
C ASP B 165 7.62 -13.60 15.06
N LEU B 166 7.90 -12.61 15.89
CA LEU B 166 8.48 -11.38 15.42
C LEU B 166 9.63 -11.05 16.33
N VAL B 167 10.78 -10.69 15.78
CA VAL B 167 11.88 -10.08 16.53
C VAL B 167 11.96 -8.64 16.06
N LYS B 168 12.02 -7.70 17.01
CA LYS B 168 12.09 -6.27 16.68
C LYS B 168 13.15 -5.55 17.48
N ALA B 169 13.43 -4.30 17.11
CA ALA B 169 14.31 -3.38 17.84
C ALA B 169 13.84 -2.99 19.25
N ASN B 170 14.79 -2.51 20.06
CA ASN B 170 14.52 -1.93 21.38
C ASN B 170 15.09 -0.50 21.56
N LYS B 171 14.89 0.05 22.76
CA LYS B 171 15.41 1.35 23.20
C LYS B 171 16.91 1.56 22.90
N LEU B 172 17.75 0.74 23.53
CA LEU B 172 19.22 0.91 23.45
C LEU B 172 19.82 0.55 22.07
N ASN B 173 19.05 -0.20 21.27
CA ASN B 173 19.54 -0.70 19.97
C ASN B 173 18.52 -0.84 18.84
N ALA B 174 18.46 0.19 17.99
CA ALA B 174 17.65 0.17 16.78
C ALA B 174 18.52 0.22 15.52
N ASP B 175 19.65 -0.48 15.55
CA ASP B 175 20.49 -0.74 14.38
C ASP B 175 19.89 -2.00 13.75
N PRO B 176 19.61 -1.93 12.43
CA PRO B 176 19.16 -3.06 11.64
C PRO B 176 19.93 -4.36 11.91
N ALA B 177 21.26 -4.27 11.90
CA ALA B 177 22.14 -5.45 12.06
C ALA B 177 21.93 -6.14 13.38
N SER B 178 21.67 -5.37 14.43
CA SER B 178 21.34 -5.94 15.75
C SER B 178 20.04 -6.70 15.73
N VAL B 179 19.06 -6.28 14.93
CA VAL B 179 17.80 -7.04 14.84
C VAL B 179 18.07 -8.38 14.15
N VAL B 180 18.84 -8.32 13.07
CA VAL B 180 19.19 -9.51 12.32
C VAL B 180 20.04 -10.46 13.17
N PHE B 181 21.05 -9.92 13.86
CA PHE B 181 21.83 -10.70 14.82
C PHE B 181 20.94 -11.45 15.83
N ASP B 182 20.02 -10.73 16.51
CA ASP B 182 19.11 -11.36 17.49
C ASP B 182 18.16 -12.37 16.86
N ALA B 183 17.78 -12.09 15.62
CA ALA B 183 16.86 -12.93 14.89
C ALA B 183 17.50 -14.26 14.58
N ILE B 184 18.73 -14.23 14.07
CA ILE B 184 19.47 -15.40 13.61
C ILE B 184 19.74 -16.26 14.81
N LYS B 185 20.20 -15.62 15.87
CA LYS B 185 20.44 -16.27 17.14
C LYS B 185 19.19 -16.98 17.63
N LYS B 186 18.07 -16.29 17.70
CA LYS B 186 16.81 -16.92 18.12
C LYS B 186 16.31 -17.99 17.14
N ALA B 187 16.66 -17.88 15.87
CA ALA B 187 16.08 -18.80 14.86
C ALA B 187 16.68 -20.21 14.98
N LYS B 188 18.01 -20.26 15.10
CA LYS B 188 18.77 -21.46 15.51
C LYS B 188 18.29 -22.07 16.84
N GLU B 189 18.48 -21.33 17.94
CA GLU B 189 18.21 -21.80 19.28
C GLU B 189 16.84 -22.43 19.40
N GLN B 190 15.83 -21.81 18.79
CA GLN B 190 14.44 -22.28 18.94
C GLN B 190 13.97 -23.10 17.74
N ASN B 191 14.93 -23.55 16.85
CA ASN B 191 14.74 -24.45 15.67
C ASN B 191 13.67 -23.98 14.66
N TYR B 192 13.89 -22.79 14.10
CA TYR B 192 12.87 -22.20 13.23
C TYR B 192 13.11 -22.67 11.81
N ASP B 193 12.07 -22.86 11.00
CA ASP B 193 12.35 -23.32 9.64
C ASP B 193 12.71 -22.18 8.66
N LEU B 194 12.31 -20.96 9.03
CA LEU B 194 12.36 -19.82 8.10
C LEU B 194 12.44 -18.52 8.90
N LEU B 195 13.46 -17.73 8.60
CA LEU B 195 13.60 -16.35 9.09
C LEU B 195 13.33 -15.43 7.89
N LEU B 196 12.33 -14.56 8.01
CA LEU B 196 12.04 -13.55 6.98
C LEU B 196 12.56 -12.21 7.46
N ILE B 197 13.52 -11.63 6.74
CA ILE B 197 14.12 -10.36 7.12
C ILE B 197 13.56 -9.18 6.30
N ASP B 198 12.93 -8.21 6.95
CA ASP B 198 12.61 -6.89 6.31
C ASP B 198 13.87 -6.10 6.35
N THR B 199 14.53 -5.93 5.22
CA THR B 199 15.83 -5.29 5.19
C THR B 199 15.67 -3.82 5.24
N ALA B 200 16.77 -3.17 5.62
CA ALA B 200 16.87 -1.73 5.74
C ALA B 200 17.59 -1.11 4.55
N GLY B 201 17.43 0.20 4.39
CA GLY B 201 18.12 0.90 3.32
C GLY B 201 17.14 1.41 2.29
N ARG B 202 17.51 2.50 1.61
CA ARG B 202 16.68 3.12 0.57
C ARG B 202 17.53 3.19 -0.70
N LEU B 203 16.91 3.28 -1.87
CA LEU B 203 17.61 3.52 -3.15
C LEU B 203 18.30 4.92 -3.22
N GLN B 204 17.72 5.91 -2.53
CA GLN B 204 18.39 7.20 -2.22
C GLN B 204 19.85 7.13 -1.71
N ASN B 205 20.28 6.03 -1.08
CA ASN B 205 21.68 5.92 -0.71
C ASN B 205 22.22 4.51 -0.97
N LYS B 206 22.66 4.31 -2.21
CA LYS B 206 22.96 2.97 -2.68
C LYS B 206 24.11 2.34 -1.92
N THR B 207 25.08 3.17 -1.53
CA THR B 207 26.23 2.70 -0.76
C THR B 207 25.79 2.32 0.64
N ASN B 208 24.87 3.09 1.25
CA ASN B 208 24.29 2.67 2.54
C ASN B 208 23.46 1.38 2.45
N LEU B 209 22.56 1.31 1.47
CA LEU B 209 21.82 0.09 1.15
C LEU B 209 22.77 -1.11 1.03
N MET B 210 23.86 -0.96 0.26
CA MET B 210 24.76 -2.12 0.05
C MET B 210 25.43 -2.47 1.33
N ALA B 211 25.71 -1.42 2.11
CA ALA B 211 26.42 -1.50 3.41
C ALA B 211 25.53 -2.24 4.39
N GLU B 212 24.29 -1.79 4.50
CA GLU B 212 23.31 -2.46 5.36
C GLU B 212 23.09 -3.90 4.94
N LEU B 213 22.92 -4.14 3.65
CA LEU B 213 22.78 -5.54 3.14
C LEU B 213 24.02 -6.43 3.32
N GLU B 214 25.22 -5.86 3.13
CA GLU B 214 26.44 -6.63 3.36
C GLU B 214 26.58 -6.96 4.84
N LYS B 215 26.34 -5.98 5.70
CA LYS B 215 26.28 -6.24 7.15
C LYS B 215 25.37 -7.40 7.49
N MET B 216 24.12 -7.34 7.03
CA MET B 216 23.20 -8.45 7.28
C MET B 216 23.71 -9.76 6.76
N ASN B 217 24.33 -9.75 5.59
CA ASN B 217 24.87 -10.96 4.95
C ASN B 217 25.90 -11.60 5.85
N LYS B 218 26.95 -10.84 6.20
CA LYS B 218 27.98 -11.33 7.10
C LYS B 218 27.34 -12.00 8.31
N ILE B 219 26.43 -11.28 8.97
CA ILE B 219 25.76 -11.81 10.13
C ILE B 219 25.09 -13.14 9.84
N ILE B 220 24.32 -13.24 8.76
CA ILE B 220 23.57 -14.48 8.56
C ILE B 220 24.46 -15.61 8.08
N GLN B 221 25.53 -15.26 7.35
CA GLN B 221 26.47 -16.25 6.81
C GLN B 221 27.35 -16.88 7.91
N GLN B 222 27.81 -16.04 8.85
CA GLN B 222 28.40 -16.51 10.13
C GLN B 222 27.67 -17.67 10.83
N VAL B 223 26.44 -17.95 10.41
CA VAL B 223 25.57 -18.96 11.03
C VAL B 223 25.03 -19.96 10.00
N GLU B 224 25.09 -19.57 8.72
CA GLU B 224 24.66 -20.46 7.64
C GLU B 224 25.18 -19.92 6.33
N LYS B 225 26.18 -20.64 5.79
CA LYS B 225 27.17 -20.02 4.89
C LYS B 225 26.52 -19.68 3.55
N SER B 226 25.45 -20.43 3.31
CA SER B 226 24.75 -20.53 2.06
C SER B 226 23.51 -19.58 1.98
N ALA B 227 23.34 -18.74 3.00
CA ALA B 227 22.28 -17.74 3.07
C ALA B 227 22.84 -16.36 2.69
N PRO B 228 21.97 -15.44 2.18
CA PRO B 228 20.52 -15.58 2.07
C PRO B 228 20.13 -16.63 0.99
N HIS B 229 19.10 -17.41 1.28
CA HIS B 229 18.63 -18.41 0.33
C HIS B 229 17.78 -17.76 -0.72
N GLU B 230 17.00 -16.73 -0.34
CA GLU B 230 16.36 -15.85 -1.31
C GLU B 230 16.59 -14.39 -0.93
N VAL B 231 16.86 -13.56 -1.93
CA VAL B 231 16.68 -12.12 -1.79
C VAL B 231 15.55 -11.67 -2.74
N LEU B 232 14.36 -11.49 -2.17
CA LEU B 232 13.16 -11.16 -2.92
C LEU B 232 12.83 -9.66 -2.99
N LEU B 233 12.69 -9.19 -4.21
CA LEU B 233 12.38 -7.86 -4.57
C LEU B 233 10.85 -7.65 -4.87
N VAL B 234 10.19 -6.81 -4.08
CA VAL B 234 8.80 -6.49 -4.26
C VAL B 234 8.62 -5.43 -5.33
N ILE B 235 7.87 -5.78 -6.39
CA ILE B 235 7.49 -4.88 -7.44
C ILE B 235 5.98 -4.81 -7.47
N ASP B 236 5.47 -3.60 -7.25
CA ASP B 236 4.07 -3.30 -7.40
C ASP B 236 3.73 -3.24 -8.86
N ALA B 237 2.87 -4.17 -9.31
CA ALA B 237 2.49 -4.26 -10.70
C ALA B 237 1.84 -2.99 -11.25
N THR B 238 1.10 -2.25 -10.42
CA THR B 238 0.44 -0.98 -10.85
C THR B 238 1.44 0.18 -11.13
N THR B 239 2.71 0.00 -10.74
CA THR B 239 3.73 1.01 -11.05
C THR B 239 4.24 0.81 -12.48
N GLY B 240 3.92 -0.30 -13.10
CA GLY B 240 4.21 -0.50 -14.51
C GLY B 240 5.67 -0.55 -14.84
N GLN B 241 5.97 -0.35 -16.13
CA GLN B 241 7.29 -0.35 -16.66
C GLN B 241 8.22 0.65 -16.01
N ASN B 242 7.68 1.80 -15.61
CA ASN B 242 8.45 2.69 -14.76
C ASN B 242 8.85 2.12 -13.39
N GLY B 243 7.95 1.37 -12.73
CA GLY B 243 8.28 0.64 -11.51
C GLY B 243 9.31 -0.46 -11.77
N VAL B 244 9.25 -1.08 -12.96
CA VAL B 244 10.24 -2.13 -13.31
C VAL B 244 11.64 -1.50 -13.48
N ILE B 245 11.73 -0.37 -14.19
CA ILE B 245 12.98 0.35 -14.35
C ILE B 245 13.60 0.78 -13.00
N GLN B 246 12.82 1.42 -12.15
CA GLN B 246 13.28 1.67 -10.81
C GLN B 246 13.66 0.35 -10.08
N ALA B 247 12.98 -0.76 -10.30
CA ALA B 247 13.35 -2.00 -9.57
C ALA B 247 14.72 -2.53 -10.03
N GLU B 248 15.05 -2.30 -11.31
CA GLU B 248 16.29 -2.76 -11.94
C GLU B 248 17.42 -2.12 -11.19
N GLU B 249 17.14 -0.99 -10.59
CA GLU B 249 18.15 -0.26 -9.90
C GLU B 249 18.42 -0.90 -8.53
N PHE B 250 17.41 -1.54 -7.94
CA PHE B 250 17.60 -2.39 -6.76
C PHE B 250 18.44 -3.65 -7.05
N SER B 251 18.24 -4.29 -8.21
CA SER B 251 18.85 -5.61 -8.44
C SER B 251 20.33 -5.52 -8.80
N LYS B 252 20.70 -4.27 -9.11
CA LYS B 252 22.04 -3.91 -9.46
C LYS B 252 22.88 -3.65 -8.23
N VAL B 253 22.25 -3.57 -7.07
CA VAL B 253 22.90 -3.05 -5.85
C VAL B 253 22.77 -4.09 -4.73
N ALA B 254 22.18 -5.24 -5.05
CA ALA B 254 21.77 -6.27 -4.12
C ALA B 254 21.65 -7.57 -4.89
N ASP B 255 21.85 -8.69 -4.21
CA ASP B 255 21.88 -9.99 -4.83
C ASP B 255 20.49 -10.59 -5.03
N VAL B 256 19.61 -9.81 -5.67
CA VAL B 256 18.24 -10.25 -5.96
C VAL B 256 18.23 -11.53 -6.75
N SER B 257 17.47 -12.47 -6.21
CA SER B 257 17.26 -13.79 -6.74
C SER B 257 15.84 -13.97 -7.23
N GLY B 258 14.89 -13.19 -6.71
CA GLY B 258 13.48 -13.43 -7.05
C GLY B 258 12.64 -12.20 -6.96
N ILE B 259 11.54 -12.20 -7.71
CA ILE B 259 10.57 -11.11 -7.62
C ILE B 259 9.23 -11.57 -7.01
N ILE B 260 8.69 -10.69 -6.16
CA ILE B 260 7.29 -10.75 -5.74
C ILE B 260 6.52 -9.63 -6.42
N LEU B 261 5.73 -10.02 -7.40
CA LEU B 261 4.95 -9.12 -8.20
C LEU B 261 3.62 -9.00 -7.51
N THR B 262 3.38 -7.85 -6.88
CA THR B 262 2.19 -7.61 -6.10
C THR B 262 1.14 -6.84 -6.91
N LYS B 263 -0.10 -6.93 -6.45
CA LYS B 263 -1.17 -6.11 -6.97
C LYS B 263 -1.45 -6.32 -8.45
N MET B 264 -1.08 -7.51 -8.97
CA MET B 264 -1.42 -7.94 -10.33
C MET B 264 -2.89 -7.80 -10.69
N ASP B 265 -3.76 -8.08 -9.72
CA ASP B 265 -5.21 -8.04 -9.93
C ASP B 265 -5.71 -6.62 -10.17
N SER B 266 -4.84 -5.66 -9.86
CA SER B 266 -5.15 -4.24 -9.94
C SER B 266 -4.62 -3.62 -11.23
N THR B 267 -3.83 -4.35 -12.04
CA THR B 267 -3.36 -3.76 -13.31
C THR B 267 -4.01 -4.28 -14.56
N SER B 268 -4.09 -3.43 -15.59
CA SER B 268 -4.56 -3.80 -16.91
C SER B 268 -3.37 -4.19 -17.82
N LYS B 269 -2.16 -4.12 -17.30
CA LYS B 269 -0.94 -4.25 -18.10
C LYS B 269 -0.32 -5.64 -17.97
N GLY B 270 -0.78 -6.54 -18.84
CA GLY B 270 -0.43 -7.93 -18.74
C GLY B 270 0.96 -8.20 -19.21
N GLY B 271 1.65 -7.22 -19.78
CA GLY B 271 3.00 -7.47 -20.32
C GLY B 271 4.06 -7.24 -19.27
N ILE B 272 3.63 -6.74 -18.10
CA ILE B 272 4.61 -6.48 -17.05
C ILE B 272 5.56 -7.66 -16.73
N GLY B 273 5.04 -8.90 -16.75
CA GLY B 273 5.88 -10.08 -16.57
C GLY B 273 7.01 -10.12 -17.56
N LEU B 274 6.71 -9.77 -18.81
CA LEU B 274 7.71 -9.78 -19.88
C LEU B 274 8.72 -8.64 -19.69
N ALA B 275 8.21 -7.46 -19.30
CA ALA B 275 9.06 -6.32 -18.96
C ALA B 275 10.08 -6.72 -17.88
N ILE B 276 9.60 -7.31 -16.78
CA ILE B 276 10.47 -7.83 -15.74
C ILE B 276 11.52 -8.83 -16.28
N LYS B 277 11.10 -9.78 -17.13
CA LYS B 277 12.06 -10.70 -17.78
C LYS B 277 13.15 -10.00 -18.58
N GLU B 278 12.75 -9.08 -19.44
CA GLU B 278 13.65 -8.29 -20.25
C GLU B 278 14.55 -7.40 -19.43
N LEU B 279 13.99 -6.66 -18.49
CA LEU B 279 14.76 -5.62 -17.79
C LEU B 279 15.57 -6.08 -16.57
N LEU B 280 15.12 -7.11 -15.88
CA LEU B 280 15.84 -7.53 -14.67
C LEU B 280 16.45 -8.88 -14.92
N ASN B 281 15.84 -9.62 -15.83
CA ASN B 281 16.20 -10.99 -16.01
C ASN B 281 16.26 -11.66 -14.65
N ILE B 282 15.23 -11.46 -13.83
CA ILE B 282 15.11 -12.13 -12.53
C ILE B 282 13.78 -12.84 -12.52
N PRO B 283 13.77 -14.11 -12.06
CA PRO B 283 12.50 -14.85 -12.04
C PRO B 283 11.48 -14.25 -11.10
N ILE B 284 10.23 -14.22 -11.55
CA ILE B 284 9.14 -13.91 -10.67
C ILE B 284 8.79 -15.20 -9.95
N LYS B 285 8.83 -15.20 -8.62
CA LYS B 285 8.63 -16.42 -7.84
C LYS B 285 7.30 -16.45 -7.14
N MET B 286 6.79 -15.28 -6.76
CA MET B 286 5.50 -15.19 -6.10
C MET B 286 4.74 -14.07 -6.76
N ILE B 287 3.42 -14.11 -6.65
CA ILE B 287 2.60 -13.09 -7.23
C ILE B 287 1.44 -12.81 -6.28
N GLY B 288 1.25 -11.52 -5.99
CA GLY B 288 0.21 -11.06 -5.13
C GLY B 288 -1.00 -10.85 -6.00
N VAL B 289 -2.10 -11.41 -5.52
CA VAL B 289 -3.38 -11.31 -6.20
C VAL B 289 -4.51 -10.88 -5.28
N GLY B 290 -4.32 -9.82 -4.49
CA GLY B 290 -5.41 -9.34 -3.66
C GLY B 290 -4.83 -8.84 -2.37
N GLU B 291 -5.66 -8.44 -1.42
CA GLU B 291 -5.09 -7.80 -0.22
C GLU B 291 -5.30 -8.61 1.05
N LYS B 292 -5.87 -9.81 0.91
CA LYS B 292 -5.93 -10.74 2.04
C LYS B 292 -4.58 -11.38 2.29
N VAL B 293 -4.30 -11.65 3.57
CA VAL B 293 -3.13 -12.42 3.97
C VAL B 293 -2.85 -13.66 3.09
N ASP B 294 -3.88 -14.17 2.43
CA ASP B 294 -3.80 -15.40 1.64
C ASP B 294 -3.56 -15.16 0.16
N ASP B 295 -3.71 -13.90 -0.24
CA ASP B 295 -3.66 -13.47 -1.63
C ASP B 295 -2.21 -13.43 -2.16
N LEU B 296 -1.54 -14.57 -2.07
CA LEU B 296 -0.16 -14.70 -2.53
C LEU B 296 -0.01 -16.09 -3.07
N LEU B 297 0.62 -16.25 -4.22
CA LEU B 297 0.81 -17.59 -4.73
C LEU B 297 2.04 -17.69 -5.59
N ALA B 298 2.52 -18.94 -5.76
CA ALA B 298 3.72 -19.21 -6.48
C ALA B 298 3.51 -18.79 -7.94
N PHE B 299 4.55 -18.26 -8.58
CA PHE B 299 4.36 -17.81 -9.93
C PHE B 299 4.49 -18.98 -10.87
N ASP B 300 3.49 -19.12 -11.73
CA ASP B 300 3.53 -20.07 -12.80
C ASP B 300 3.31 -19.30 -14.10
N ILE B 301 4.32 -19.34 -14.97
CA ILE B 301 4.24 -18.68 -16.28
C ILE B 301 3.17 -19.28 -17.18
N ASP B 302 3.04 -20.61 -17.15
CA ASP B 302 2.04 -21.27 -17.97
C ASP B 302 0.67 -20.68 -17.63
N GLN B 303 0.37 -20.55 -16.34
CA GLN B 303 -0.92 -19.97 -15.89
C GLN B 303 -1.06 -18.47 -16.20
N TYR B 304 0.06 -17.74 -16.20
CA TYR B 304 0.11 -16.31 -16.55
C TYR B 304 -0.24 -16.07 -18.02
N ILE B 305 0.47 -16.73 -18.94
CA ILE B 305 0.17 -16.57 -20.37
C ILE B 305 -1.26 -16.99 -20.73
N VAL B 306 -1.71 -18.10 -20.15
CA VAL B 306 -3.00 -18.72 -20.49
C VAL B 306 -4.11 -17.79 -20.00
N HIS B 307 -4.05 -17.41 -18.73
CA HIS B 307 -5.00 -16.41 -18.20
C HIS B 307 -4.93 -15.05 -18.94
N LEU B 308 -3.72 -14.62 -19.30
CA LEU B 308 -3.54 -13.35 -20.04
C LEU B 308 -4.17 -13.36 -21.46
N SER B 309 -4.01 -14.47 -22.18
CA SER B 309 -4.58 -14.63 -23.53
C SER B 309 -6.00 -15.22 -23.60
N SER B 310 -6.54 -15.62 -22.44
CA SER B 310 -7.82 -16.34 -22.38
C SER B 310 -9.00 -15.58 -23.05
N GLY B 311 -9.01 -14.26 -22.97
CA GLY B 311 -10.14 -13.52 -23.53
C GLY B 311 -10.28 -13.65 -25.05
N PHE B 312 -9.17 -13.91 -25.74
CA PHE B 312 -9.19 -13.98 -27.19
C PHE B 312 -8.91 -15.38 -27.70
N MET B 313 -8.91 -16.34 -26.78
CA MET B 313 -8.74 -17.76 -27.15
C MET B 313 -10.04 -18.58 -26.97
#